data_3Q3D
#
_entry.id   3Q3D
#
_cell.length_a   106.486
_cell.length_b   106.486
_cell.length_c   145.403
_cell.angle_alpha   90.00
_cell.angle_beta   90.00
_cell.angle_gamma   90.00
#
_symmetry.space_group_name_H-M   'P 43 2 2'
#
loop_
_entity.id
_entity.type
_entity.pdbx_description
1 polymer 'Multidrug-efflux transporter 1 regulator'
2 polymer 'BmrR promoter DNA'
3 non-polymer PUROMYCIN
4 water water
#
loop_
_entity_poly.entity_id
_entity_poly.type
_entity_poly.pdbx_seq_one_letter_code
_entity_poly.pdbx_strand_id
1 'polypeptide(L)'
;MKESYYSIGEVSKLANVSIKALRYYDKIDLFKPAYVDPDTSYRYYTDSQLIHLDLIKSLKYIGTPLEEMKKAQDLEMEEL
FAFYTEQERQIREKLDFLSALEQTISLVKKRMKRQMEYPALGEVFVLDEEEIRIIQTEAEGLGPENVLNASYSKLKKFIE
SADGFTNNSYGATFSFQPYTSIDEMTYRHIFTPVLTNKQISSITPDMEITTIPKGRYACIAYNFSPEHYFLNLQKLIKYI
ADRQLTVVSDVYELIIPIHYSPKKQEEYRVEMKIRILDHHHHHH
;
A
2 'polydeoxyribonucleotide'
;(DG)(DA)(DC)(DC)(DC)(DT)(DC)(DC)(DC)(DC)(DT)(DT)(DA)(DG)(DG)(DG)(DG)(DA)(DG)(DG)
(DG)(DT)(DC)
;
B
#
loop_
_chem_comp.id
_chem_comp.type
_chem_comp.name
_chem_comp.formula
DA DNA linking 2'-DEOXYADENOSINE-5'-MONOPHOSPHATE 'C10 H14 N5 O6 P'
DC DNA linking 2'-DEOXYCYTIDINE-5'-MONOPHOSPHATE 'C9 H14 N3 O7 P'
DG DNA linking 2'-DEOXYGUANOSINE-5'-MONOPHOSPHATE 'C10 H14 N5 O7 P'
DT DNA linking THYMIDINE-5'-MONOPHOSPHATE 'C10 H15 N2 O8 P'
PUY RNA linking PUROMYCIN 'C22 H29 N7 O5'
#
# COMPACT_ATOMS: atom_id res chain seq x y z
N LYS A 2 29.17 -36.92 -27.37
CA LYS A 2 30.18 -37.92 -26.87
C LYS A 2 31.59 -37.59 -27.43
N GLU A 3 31.84 -37.82 -28.71
CA GLU A 3 33.16 -37.53 -29.29
C GLU A 3 33.19 -36.34 -30.25
N SER A 4 32.23 -35.43 -30.08
CA SER A 4 32.10 -34.20 -30.88
C SER A 4 31.41 -33.16 -30.01
N TYR A 5 31.26 -31.95 -30.54
CA TYR A 5 30.63 -30.89 -29.76
C TYR A 5 29.19 -30.59 -30.15
N TYR A 6 28.42 -30.12 -29.17
CA TYR A 6 27.19 -29.45 -29.47
C TYR A 6 27.48 -28.00 -29.85
N SER A 7 26.80 -27.50 -30.87
CA SER A 7 26.84 -26.08 -31.18
C SER A 7 25.79 -25.33 -30.35
N ILE A 8 25.93 -24.02 -30.29
CA ILE A 8 25.09 -23.27 -29.41
C ILE A 8 23.60 -23.55 -29.70
N GLY A 9 23.20 -23.53 -30.97
CA GLY A 9 21.84 -23.92 -31.33
C GLY A 9 21.43 -25.28 -30.77
N GLU A 10 22.32 -26.26 -30.94
CA GLU A 10 22.00 -27.62 -30.56
C GLU A 10 21.75 -27.63 -29.08
N VAL A 11 22.41 -26.74 -28.35
CA VAL A 11 22.36 -26.81 -26.90
C VAL A 11 21.09 -26.16 -26.43
N SER A 12 20.71 -25.15 -27.17
CA SER A 12 19.66 -24.28 -26.75
C SER A 12 18.38 -25.08 -26.91
N LYS A 13 18.28 -25.73 -28.05
CA LYS A 13 17.19 -26.67 -28.34
C LYS A 13 17.16 -27.73 -27.26
N LEU A 14 18.32 -28.25 -26.90
CA LEU A 14 18.41 -29.33 -25.93
C LEU A 14 18.09 -28.93 -24.51
N ALA A 15 18.30 -27.66 -24.18
CA ALA A 15 18.38 -27.25 -22.78
C ALA A 15 17.25 -26.28 -22.47
N ASN A 16 16.58 -25.86 -23.53
CA ASN A 16 15.42 -25.05 -23.37
C ASN A 16 15.89 -23.74 -22.77
N VAL A 17 16.95 -23.21 -23.37
CA VAL A 17 17.61 -22.03 -22.87
C VAL A 17 18.03 -21.33 -24.14
N SER A 18 17.75 -20.03 -24.20
CA SER A 18 17.85 -19.25 -25.43
C SER A 18 19.30 -19.12 -25.83
N ILE A 19 19.54 -19.04 -27.14
CA ILE A 19 20.90 -18.84 -27.65
C ILE A 19 21.55 -17.59 -27.03
N LYS A 20 20.81 -16.47 -27.02
CA LYS A 20 21.35 -15.23 -26.47
C LYS A 20 21.62 -15.38 -24.97
N ALA A 21 20.87 -16.22 -24.27
CA ALA A 21 21.14 -16.45 -22.84
C ALA A 21 22.50 -17.08 -22.67
N LEU A 22 22.82 -18.04 -23.56
CA LEU A 22 24.06 -18.84 -23.47
C LEU A 22 25.27 -17.93 -23.70
N ARG A 23 25.12 -17.02 -24.63
CA ARG A 23 26.15 -16.02 -24.88
C ARG A 23 26.37 -15.15 -23.67
N TYR A 24 25.29 -14.71 -23.03
CA TYR A 24 25.39 -13.95 -21.78
C TYR A 24 26.11 -14.71 -20.65
N TYR A 25 25.75 -15.98 -20.48
CA TYR A 25 26.36 -16.79 -19.46
C TYR A 25 27.82 -17.06 -19.74
N ASP A 26 28.14 -17.14 -21.03
CA ASP A 26 29.50 -17.13 -21.46
C ASP A 26 30.11 -15.76 -21.08
N LYS A 27 29.52 -14.65 -21.53
CA LYS A 27 30.13 -13.31 -21.31
C LYS A 27 30.52 -13.11 -19.86
N ILE A 28 29.62 -13.49 -18.95
CA ILE A 28 29.84 -13.25 -17.51
C ILE A 28 30.51 -14.43 -16.80
N ASP A 29 31.12 -15.30 -17.58
CA ASP A 29 31.88 -16.43 -17.05
C ASP A 29 30.99 -17.19 -16.05
N LEU A 30 29.76 -17.54 -16.45
CA LEU A 30 28.91 -18.34 -15.57
C LEU A 30 28.76 -19.73 -16.11
N PHE A 31 28.69 -19.80 -17.45
CA PHE A 31 28.65 -21.03 -18.22
C PHE A 31 29.27 -20.67 -19.57
N LYS A 32 30.30 -21.41 -19.96
CA LYS A 32 31.16 -20.98 -21.04
C LYS A 32 31.43 -22.07 -22.02
N PRO A 33 31.48 -21.87 -23.34
CA PRO A 33 31.70 -23.05 -24.19
C PRO A 33 32.93 -23.92 -23.81
N ALA A 34 32.84 -25.27 -23.73
CA ALA A 34 34.05 -26.05 -23.52
C ALA A 34 35.08 -25.55 -24.46
N TYR A 35 34.66 -25.33 -25.70
CA TYR A 35 35.57 -24.99 -26.80
C TYR A 35 35.10 -23.74 -27.48
N VAL A 36 36.06 -22.93 -27.92
CA VAL A 36 35.73 -21.92 -28.90
C VAL A 36 36.65 -21.98 -30.11
N ASP A 37 36.04 -22.13 -31.29
CA ASP A 37 36.80 -22.13 -32.51
C ASP A 37 37.58 -20.82 -32.54
N PRO A 38 38.90 -20.91 -32.68
CA PRO A 38 39.73 -19.68 -32.68
C PRO A 38 39.58 -18.81 -33.94
N ASP A 39 38.90 -19.30 -34.97
CA ASP A 39 38.79 -18.55 -36.22
C ASP A 39 37.37 -18.10 -36.55
N THR A 40 36.39 -18.90 -36.16
CA THR A 40 35.00 -18.55 -36.38
C THR A 40 34.31 -18.01 -35.11
N SER A 41 35.00 -18.05 -33.98
CA SER A 41 34.46 -17.60 -32.70
C SER A 41 33.23 -18.41 -32.31
N TYR A 42 33.00 -19.50 -33.04
CA TYR A 42 31.84 -20.36 -32.84
C TYR A 42 32.00 -21.06 -31.50
N ARG A 43 30.91 -21.13 -30.70
CA ARG A 43 30.91 -21.73 -29.36
C ARG A 43 30.48 -23.19 -29.37
N TYR A 44 31.35 -24.05 -28.89
CA TYR A 44 31.13 -25.48 -28.89
C TYR A 44 31.09 -26.04 -27.47
N TYR A 45 30.23 -27.04 -27.27
CA TYR A 45 29.85 -27.47 -25.95
C TYR A 45 29.89 -29.00 -25.86
N THR A 46 30.33 -29.51 -24.70
CA THR A 46 30.40 -30.95 -24.50
C THR A 46 29.15 -31.43 -23.83
N ASP A 47 28.82 -32.69 -24.06
CA ASP A 47 27.60 -33.23 -23.50
C ASP A 47 27.69 -33.24 -21.99
N SER A 48 28.88 -33.39 -21.42
CA SER A 48 28.95 -33.61 -19.97
C SER A 48 28.79 -32.29 -19.24
N GLN A 49 29.32 -31.22 -19.82
CA GLN A 49 29.18 -29.91 -19.19
C GLN A 49 27.73 -29.48 -19.10
N LEU A 50 26.88 -30.15 -19.86
CA LEU A 50 25.46 -29.78 -19.85
C LEU A 50 24.78 -29.78 -18.49
N ILE A 51 25.40 -30.46 -17.55
CA ILE A 51 24.75 -30.68 -16.26
C ILE A 51 24.69 -29.40 -15.38
N HIS A 52 25.75 -28.61 -15.47
CA HIS A 52 25.81 -27.34 -14.83
C HIS A 52 24.58 -26.49 -15.06
N LEU A 53 23.89 -26.73 -16.17
CA LEU A 53 22.67 -25.97 -16.43
C LEU A 53 21.55 -26.31 -15.48
N ASP A 54 21.48 -27.55 -15.01
CA ASP A 54 20.46 -27.89 -14.04
C ASP A 54 20.37 -26.83 -12.92
N LEU A 55 21.48 -26.62 -12.23
CA LEU A 55 21.61 -25.56 -11.24
C LEU A 55 21.26 -24.18 -11.76
N ILE A 56 21.82 -23.80 -12.90
CA ILE A 56 21.58 -22.47 -13.36
C ILE A 56 20.10 -22.29 -13.58
N LYS A 57 19.46 -23.34 -14.06
CA LYS A 57 18.10 -23.16 -14.47
C LYS A 57 17.16 -23.16 -13.29
N SER A 58 17.44 -24.06 -12.35
CA SER A 58 16.64 -24.15 -11.16
C SER A 58 16.74 -22.86 -10.41
N LEU A 59 17.95 -22.47 -10.09
CA LEU A 59 18.17 -21.18 -9.50
C LEU A 59 17.48 -20.00 -10.18
N LYS A 60 17.65 -19.91 -11.49
CA LYS A 60 17.03 -18.81 -12.24
C LYS A 60 15.54 -18.79 -11.96
N TYR A 61 14.93 -19.96 -12.01
CA TYR A 61 13.52 -20.12 -11.73
C TYR A 61 13.15 -19.61 -10.31
N ILE A 62 13.95 -19.96 -9.29
CA ILE A 62 13.83 -19.41 -7.95
C ILE A 62 14.04 -17.88 -7.96
N GLY A 63 14.77 -17.38 -8.95
CA GLY A 63 14.95 -15.94 -9.08
C GLY A 63 16.23 -15.44 -8.43
N THR A 64 17.10 -16.39 -8.11
CA THR A 64 18.42 -16.09 -7.59
C THR A 64 19.15 -15.33 -8.67
N PRO A 65 19.80 -14.20 -8.31
CA PRO A 65 20.49 -13.41 -9.35
C PRO A 65 21.77 -14.09 -9.82
N LEU A 66 22.10 -13.94 -11.10
CA LEU A 66 23.29 -14.60 -11.67
C LEU A 66 24.57 -14.49 -10.83
N GLU A 67 25.02 -13.29 -10.51
CA GLU A 67 26.26 -13.18 -9.71
C GLU A 67 26.24 -14.07 -8.45
N GLU A 68 25.06 -14.18 -7.84
CA GLU A 68 24.85 -15.09 -6.73
C GLU A 68 25.05 -16.57 -7.13
N MET A 69 24.64 -16.92 -8.36
CA MET A 69 24.73 -18.31 -8.86
C MET A 69 26.17 -18.80 -8.92
N LYS A 70 27.08 -17.91 -9.29
CA LYS A 70 28.48 -18.26 -9.33
C LYS A 70 28.93 -18.71 -7.97
N LYS A 71 28.49 -18.01 -6.92
CA LYS A 71 28.91 -18.35 -5.57
C LYS A 71 28.34 -19.74 -5.29
N ALA A 72 27.11 -19.97 -5.73
CA ALA A 72 26.41 -21.22 -5.47
C ALA A 72 26.99 -22.43 -6.16
N GLN A 73 27.43 -22.28 -7.40
CA GLN A 73 28.06 -23.40 -8.13
C GLN A 73 29.05 -24.21 -7.34
N ASP A 74 29.87 -23.47 -6.59
CA ASP A 74 30.94 -24.04 -5.81
C ASP A 74 30.48 -25.01 -4.72
N LEU A 75 29.52 -24.61 -3.88
CA LEU A 75 29.22 -25.39 -2.68
C LEU A 75 28.96 -26.87 -2.96
N GLU A 76 29.41 -27.71 -2.03
CA GLU A 76 29.06 -29.13 -2.03
C GLU A 76 27.75 -29.20 -1.29
N MET A 77 27.09 -30.35 -1.34
CA MET A 77 25.71 -30.44 -0.90
C MET A 77 25.42 -29.81 0.46
N GLU A 78 26.19 -30.18 1.48
CA GLU A 78 25.92 -29.68 2.82
C GLU A 78 25.86 -28.16 2.77
N GLU A 79 26.87 -27.51 2.18
CA GLU A 79 26.83 -26.04 2.05
C GLU A 79 25.64 -25.52 1.18
N LEU A 80 25.27 -26.25 0.14
CA LEU A 80 24.19 -25.85 -0.82
C LEU A 80 22.79 -26.06 -0.28
N PHE A 81 22.64 -27.06 0.56
CA PHE A 81 21.47 -27.20 1.42
C PHE A 81 21.16 -25.89 2.09
N ALA A 82 22.15 -25.33 2.77
CA ALA A 82 22.01 -24.06 3.51
C ALA A 82 21.61 -22.87 2.64
N PHE A 83 22.32 -22.70 1.52
CA PHE A 83 21.86 -21.82 0.46
C PHE A 83 20.36 -21.89 0.19
N TYR A 84 19.84 -23.11 0.05
CA TYR A 84 18.40 -23.33 -0.17
C TYR A 84 17.59 -22.77 0.97
N THR A 85 17.93 -23.17 2.19
CA THR A 85 17.30 -22.53 3.35
C THR A 85 17.26 -21.01 3.23
N GLU A 86 18.36 -20.41 2.80
CA GLU A 86 18.37 -18.99 2.57
C GLU A 86 17.21 -18.53 1.67
N GLN A 87 17.13 -19.10 0.48
CA GLN A 87 16.03 -18.79 -0.43
C GLN A 87 14.70 -19.01 0.27
N GLU A 88 14.48 -20.20 0.82
CA GLU A 88 13.28 -20.52 1.59
C GLU A 88 12.82 -19.42 2.55
N ARG A 89 13.78 -18.70 3.11
CA ARG A 89 13.47 -17.73 4.17
C ARG A 89 13.25 -16.37 3.52
N GLN A 90 13.98 -16.11 2.44
CA GLN A 90 13.70 -14.98 1.56
C GLN A 90 12.30 -15.06 0.92
N ILE A 91 11.82 -16.28 0.71
CA ILE A 91 10.49 -16.56 0.14
C ILE A 91 9.38 -16.46 1.19
N ARG A 92 9.52 -17.13 2.33
CA ARG A 92 8.58 -16.87 3.42
C ARG A 92 8.47 -15.35 3.63
N GLU A 93 9.56 -14.59 3.49
CA GLU A 93 9.51 -13.12 3.67
C GLU A 93 8.52 -12.52 2.68
N LYS A 94 8.77 -12.73 1.38
CA LYS A 94 7.90 -12.21 0.31
C LYS A 94 6.42 -12.59 0.49
N LEU A 95 6.14 -13.84 0.80
CA LEU A 95 4.77 -14.26 1.09
C LEU A 95 4.16 -13.44 2.19
N ASP A 96 4.84 -13.38 3.33
CA ASP A 96 4.35 -12.60 4.45
C ASP A 96 3.99 -11.19 3.98
N PHE A 97 4.82 -10.66 3.09
CA PHE A 97 4.65 -9.30 2.65
C PHE A 97 3.48 -9.17 1.69
N LEU A 98 3.22 -10.26 0.96
CA LEU A 98 2.11 -10.33 0.00
C LEU A 98 0.79 -10.58 0.68
N SER A 99 0.76 -11.54 1.58
CA SER A 99 -0.48 -11.80 2.32
C SER A 99 -0.91 -10.53 3.01
N ALA A 100 0.06 -9.86 3.65
CA ALA A 100 -0.18 -8.54 4.20
C ALA A 100 -0.76 -7.65 3.12
N LEU A 101 -0.06 -7.53 1.98
CA LEU A 101 -0.51 -6.67 0.88
C LEU A 101 -1.93 -6.96 0.40
N GLU A 102 -2.20 -8.23 0.11
CA GLU A 102 -3.54 -8.63 -0.23
C GLU A 102 -4.58 -8.20 0.79
N GLN A 103 -4.40 -8.54 2.09
CA GLN A 103 -5.34 -8.10 3.16
C GLN A 103 -5.54 -6.59 3.17
N THR A 104 -4.47 -5.82 3.01
CA THR A 104 -4.59 -4.36 2.92
C THR A 104 -5.47 -3.99 1.75
N ILE A 105 -5.13 -4.42 0.54
CA ILE A 105 -5.93 -4.00 -0.60
C ILE A 105 -7.40 -4.32 -0.35
N SER A 106 -7.67 -5.55 0.07
CA SER A 106 -9.03 -5.99 0.33
C SER A 106 -9.80 -5.04 1.28
N LEU A 107 -9.08 -4.48 2.25
CA LEU A 107 -9.65 -3.46 3.12
C LEU A 107 -9.85 -2.14 2.36
N VAL A 108 -8.84 -1.66 1.64
CA VAL A 108 -8.97 -0.40 0.89
C VAL A 108 -10.18 -0.46 -0.03
N LYS A 109 -10.41 -1.65 -0.59
CA LYS A 109 -11.54 -1.91 -1.47
C LYS A 109 -12.85 -1.90 -0.71
N LYS A 110 -12.86 -2.46 0.51
CA LYS A 110 -14.05 -2.43 1.39
C LYS A 110 -14.48 -1.01 1.74
N ARG A 111 -13.49 -0.11 1.96
CA ARG A 111 -13.71 1.32 2.35
C ARG A 111 -14.26 2.14 1.19
N MET A 112 -13.65 1.91 0.04
CA MET A 112 -14.10 2.32 -1.29
C MET A 112 -15.55 1.94 -1.67
N LYS A 113 -15.94 0.66 -1.48
CA LYS A 113 -17.34 0.23 -1.73
C LYS A 113 -18.28 1.07 -0.85
N ARG A 114 -18.01 1.11 0.45
CA ARG A 114 -18.82 1.91 1.35
C ARG A 114 -19.10 3.30 0.78
N GLN A 115 -18.12 3.86 0.10
CA GLN A 115 -18.22 5.17 -0.54
C GLN A 115 -19.21 5.25 -1.68
N MET A 116 -19.14 4.32 -2.62
CA MET A 116 -19.96 4.42 -3.82
C MET A 116 -21.35 3.85 -3.56
N GLU A 117 -21.52 3.27 -2.36
CA GLU A 117 -22.82 2.81 -1.86
C GLU A 117 -23.32 3.74 -0.76
N TYR A 118 -22.93 5.02 -0.81
CA TYR A 118 -23.57 6.11 -0.03
C TYR A 118 -25.08 6.01 -0.26
N PRO A 119 -25.89 6.20 0.80
CA PRO A 119 -27.36 6.21 0.63
C PRO A 119 -27.89 7.40 -0.18
N ALA A 120 -27.32 8.58 0.03
CA ALA A 120 -27.56 9.76 -0.83
C ALA A 120 -26.66 10.89 -0.40
N LEU A 121 -26.51 11.90 -1.28
CA LEU A 121 -25.56 12.98 -1.08
C LEU A 121 -26.24 14.27 -0.67
N GLY A 122 -25.62 15.03 0.22
CA GLY A 122 -26.21 16.25 0.67
C GLY A 122 -27.41 16.05 1.59
N GLU A 123 -27.83 14.81 1.82
CA GLU A 123 -28.92 14.54 2.77
C GLU A 123 -28.34 13.85 3.99
N VAL A 124 -28.93 14.13 5.16
CA VAL A 124 -28.49 13.54 6.43
C VAL A 124 -29.13 12.17 6.75
N PHE A 125 -28.28 11.16 6.95
CA PHE A 125 -28.70 9.78 7.08
C PHE A 125 -28.11 9.37 8.41
N VAL A 126 -28.86 8.69 9.26
CA VAL A 126 -28.30 8.21 10.52
C VAL A 126 -27.97 6.73 10.44
N LEU A 127 -26.71 6.35 10.55
CA LEU A 127 -26.40 4.94 10.34
C LEU A 127 -25.52 4.25 11.39
N ASP A 128 -25.63 2.91 11.44
CA ASP A 128 -24.92 2.07 12.40
C ASP A 128 -23.58 1.66 11.81
N GLU A 129 -22.49 2.10 12.44
CA GLU A 129 -21.16 2.08 11.84
C GLU A 129 -20.20 1.15 12.58
N GLU A 130 -19.28 0.49 11.86
CA GLU A 130 -18.20 -0.23 12.54
C GLU A 130 -17.04 0.75 12.82
N GLU A 131 -16.15 0.42 13.76
CA GLU A 131 -15.18 1.41 14.22
C GLU A 131 -14.04 1.51 13.22
N ILE A 132 -13.46 2.70 13.14
CA ILE A 132 -12.34 2.91 12.24
C ILE A 132 -11.14 3.29 13.08
N ARG A 133 -10.17 2.39 13.22
CA ARG A 133 -8.93 2.74 13.94
C ARG A 133 -8.30 3.91 13.26
N ILE A 134 -7.74 4.82 14.04
CA ILE A 134 -7.07 5.96 13.45
C ILE A 134 -5.89 6.36 14.27
N ILE A 135 -5.06 7.20 13.66
CA ILE A 135 -4.06 7.89 14.44
C ILE A 135 -4.24 9.37 14.26
N GLN A 136 -4.00 10.15 15.30
CA GLN A 136 -4.30 11.55 15.23
C GLN A 136 -3.37 12.40 16.08
N THR A 137 -3.43 13.70 15.87
CA THR A 137 -2.46 14.63 16.45
C THR A 137 -3.20 15.94 16.71
N GLU A 138 -2.74 16.77 17.63
CA GLU A 138 -3.50 17.96 17.91
C GLU A 138 -3.40 18.93 16.79
N ALA A 139 -4.51 19.54 16.46
CA ALA A 139 -4.59 20.37 15.32
C ALA A 139 -4.00 21.75 15.57
N GLU A 140 -3.38 21.98 16.72
CA GLU A 140 -2.51 23.14 16.87
C GLU A 140 -3.04 24.47 16.25
N GLY A 141 -4.33 24.75 16.44
CA GLY A 141 -4.94 25.97 15.92
C GLY A 141 -5.14 25.93 14.41
N LEU A 142 -5.45 24.75 13.90
CA LEU A 142 -5.82 24.69 12.52
C LEU A 142 -7.31 24.54 12.48
N GLY A 143 -7.92 25.06 11.44
CA GLY A 143 -9.33 24.88 11.23
C GLY A 143 -9.44 24.66 9.75
N PRO A 144 -10.67 24.66 9.22
CA PRO A 144 -10.95 24.31 7.83
C PRO A 144 -10.31 25.29 6.89
N GLU A 145 -10.07 26.50 7.37
CA GLU A 145 -9.64 27.62 6.54
C GLU A 145 -8.16 27.60 6.19
N ASN A 146 -7.31 27.07 7.07
CA ASN A 146 -5.86 27.19 6.88
C ASN A 146 -5.13 25.84 6.88
N VAL A 147 -5.89 24.75 7.03
CA VAL A 147 -5.32 23.41 7.01
C VAL A 147 -4.77 22.99 5.62
N LEU A 148 -3.53 22.48 5.58
CA LEU A 148 -2.88 22.11 4.32
C LEU A 148 -2.62 20.59 4.31
N ASN A 149 -2.16 20.06 3.18
CA ASN A 149 -1.68 18.71 3.09
C ASN A 149 -0.45 18.51 3.96
N ALA A 150 0.53 19.40 3.83
CA ALA A 150 1.70 19.36 4.67
C ALA A 150 1.35 19.20 6.14
N SER A 151 0.14 19.57 6.53
CA SER A 151 -0.23 19.40 7.93
C SER A 151 -0.18 17.95 8.31
N TYR A 152 -0.46 17.09 7.35
CA TYR A 152 -0.59 15.69 7.63
C TYR A 152 0.72 14.99 7.40
N SER A 153 1.77 15.75 7.16
CA SER A 153 3.00 15.15 6.75
C SER A 153 3.36 14.01 7.67
N LYS A 154 3.38 14.34 8.95
CA LYS A 154 3.78 13.42 9.97
C LYS A 154 2.92 12.15 10.13
N LEU A 155 1.59 12.30 10.19
CA LEU A 155 0.69 11.14 10.38
C LEU A 155 0.97 10.20 9.25
N LYS A 156 0.80 10.71 8.03
CA LYS A 156 1.12 9.95 6.84
C LYS A 156 2.46 9.26 6.91
N LYS A 157 3.48 9.94 7.41
CA LYS A 157 4.76 9.28 7.47
C LYS A 157 4.77 8.10 8.38
N PHE A 158 4.03 8.18 9.48
CA PHE A 158 3.86 7.03 10.35
C PHE A 158 3.05 5.89 9.78
N ILE A 159 1.97 6.21 9.10
CA ILE A 159 1.15 5.14 8.51
C ILE A 159 1.84 4.51 7.29
N GLU A 160 2.70 5.28 6.61
CA GLU A 160 3.39 4.75 5.44
C GLU A 160 4.40 3.70 5.87
N SER A 161 5.19 4.04 6.87
CA SER A 161 6.15 3.09 7.41
C SER A 161 5.51 1.73 7.80
N ALA A 162 4.28 1.77 8.28
CA ALA A 162 3.64 0.56 8.80
C ALA A 162 2.67 -0.10 7.83
N ASP A 163 2.00 0.68 7.00
CA ASP A 163 1.02 0.14 6.06
C ASP A 163 1.60 0.06 4.66
N GLY A 164 2.50 0.98 4.34
CA GLY A 164 3.01 1.10 2.99
C GLY A 164 1.98 1.63 2.02
N PHE A 165 0.71 1.63 2.41
CA PHE A 165 -0.31 2.34 1.63
C PHE A 165 -0.49 3.73 2.26
N THR A 166 -0.82 4.73 1.43
CA THR A 166 -1.16 6.06 1.92
C THR A 166 -2.66 6.19 2.15
N ASN A 167 -3.03 6.78 3.29
CA ASN A 167 -4.44 7.03 3.58
C ASN A 167 -5.05 7.62 2.33
N ASN A 168 -6.09 6.99 1.83
CA ASN A 168 -6.81 7.64 0.76
C ASN A 168 -7.40 8.95 1.31
N SER A 169 -7.75 8.95 2.61
CA SER A 169 -8.57 10.01 3.24
C SER A 169 -8.01 10.80 4.45
N TYR A 170 -8.41 12.07 4.55
CA TYR A 170 -7.82 13.03 5.51
C TYR A 170 -8.87 13.51 6.52
N GLY A 171 -8.64 13.32 7.80
CA GLY A 171 -9.75 13.51 8.70
C GLY A 171 -9.48 14.67 9.59
N ALA A 172 -10.53 15.31 10.09
CA ALA A 172 -10.36 16.17 11.26
C ALA A 172 -11.55 16.02 12.11
N THR A 173 -11.46 16.44 13.36
CA THR A 173 -12.63 16.41 14.21
C THR A 173 -12.77 17.76 14.84
N PHE A 174 -13.98 18.08 15.29
CA PHE A 174 -14.13 19.31 16.09
C PHE A 174 -15.32 19.30 17.02
N SER A 175 -15.42 20.32 17.85
CA SER A 175 -16.53 20.34 18.81
C SER A 175 -17.81 20.64 18.09
N PHE A 176 -18.84 19.87 18.41
CA PHE A 176 -20.19 20.15 17.94
C PHE A 176 -20.78 21.33 18.74
N GLN A 177 -21.16 22.36 18.02
CA GLN A 177 -21.36 23.65 18.63
C GLN A 177 -22.42 24.33 17.75
N PRO A 178 -23.26 25.24 18.30
CA PRO A 178 -24.15 26.00 17.41
C PRO A 178 -23.43 27.01 16.48
N TYR A 179 -22.59 26.51 15.57
CA TYR A 179 -21.74 27.37 14.77
C TYR A 179 -22.56 28.27 13.89
N THR A 180 -22.24 29.56 13.88
CA THR A 180 -22.93 30.50 13.02
C THR A 180 -22.04 30.94 11.87
N SER A 181 -20.76 30.56 11.93
CA SER A 181 -19.80 30.90 10.89
C SER A 181 -18.59 29.99 10.91
N ILE A 182 -18.18 29.52 9.74
CA ILE A 182 -16.95 28.74 9.62
C ILE A 182 -15.76 29.44 10.28
N ASP A 183 -15.77 30.75 10.17
CA ASP A 183 -14.82 31.62 10.81
C ASP A 183 -14.53 31.19 12.22
N GLU A 184 -15.52 30.62 12.89
CA GLU A 184 -15.39 30.36 14.31
C GLU A 184 -15.19 28.88 14.64
N MET A 185 -14.73 28.09 13.67
CA MET A 185 -14.33 26.74 14.01
C MET A 185 -12.83 26.48 14.05
N THR A 186 -12.39 25.67 15.03
CA THR A 186 -11.06 25.05 15.02
C THR A 186 -11.17 23.54 15.14
N TYR A 187 -10.26 22.83 14.47
CA TYR A 187 -10.17 21.42 14.60
C TYR A 187 -9.57 21.13 15.97
N ARG A 188 -10.07 20.08 16.60
CA ARG A 188 -9.54 19.63 17.84
C ARG A 188 -8.35 18.79 17.43
N HIS A 189 -8.61 17.75 16.64
CA HIS A 189 -7.56 16.93 16.01
C HIS A 189 -7.68 16.89 14.51
N ILE A 190 -6.57 16.59 13.85
CA ILE A 190 -6.57 15.98 12.52
C ILE A 190 -6.09 14.56 12.61
N PHE A 191 -6.34 13.76 11.59
CA PHE A 191 -6.01 12.35 11.72
C PHE A 191 -6.09 11.59 10.42
N THR A 192 -5.50 10.42 10.40
CA THR A 192 -5.81 9.53 9.34
C THR A 192 -6.08 8.15 9.84
N PRO A 193 -6.82 7.38 9.04
CA PRO A 193 -7.20 6.04 9.36
C PRO A 193 -6.00 5.15 9.21
N VAL A 194 -5.95 4.11 10.04
CA VAL A 194 -4.92 3.12 9.99
C VAL A 194 -5.52 1.84 9.46
N LEU A 195 -4.76 1.16 8.60
CA LEU A 195 -5.23 -0.02 7.84
C LEU A 195 -4.72 -1.36 8.32
N THR A 196 -3.44 -1.46 8.61
CA THR A 196 -2.88 -2.73 9.03
C THR A 196 -2.73 -2.70 10.54
N ASN A 197 -2.36 -3.83 11.13
CA ASN A 197 -2.06 -3.87 12.56
C ASN A 197 -0.62 -4.25 12.75
N LYS A 198 0.17 -3.98 11.71
CA LYS A 198 1.62 -3.93 11.87
C LYS A 198 1.87 -2.89 12.97
N GLN A 199 2.40 -3.36 14.10
CA GLN A 199 2.83 -2.49 15.19
C GLN A 199 3.59 -1.30 14.59
N ILE A 200 3.15 -0.09 14.89
CA ILE A 200 3.78 1.08 14.29
C ILE A 200 5.08 1.52 15.04
N SER A 201 6.20 1.52 14.31
CA SER A 201 7.54 1.72 14.92
C SER A 201 7.68 3.14 15.48
N SER A 202 8.26 3.22 16.67
CA SER A 202 8.86 4.47 17.08
C SER A 202 7.84 5.56 17.02
N ILE A 203 6.61 5.24 17.41
CA ILE A 203 5.55 6.26 17.47
C ILE A 203 5.86 7.26 18.56
N THR A 204 5.49 8.52 18.35
CA THR A 204 5.91 9.56 19.30
C THR A 204 4.75 10.04 20.14
N PRO A 205 5.04 10.70 21.27
CA PRO A 205 3.97 10.88 22.23
C PRO A 205 2.99 11.98 21.78
N ASP A 206 3.23 12.56 20.61
CA ASP A 206 2.38 13.64 20.11
C ASP A 206 1.35 13.11 19.15
N MET A 207 1.35 11.79 18.97
CA MET A 207 0.36 11.08 18.16
C MET A 207 -0.40 10.21 19.06
N GLU A 208 -1.71 10.21 18.93
CA GLU A 208 -2.52 9.30 19.70
C GLU A 208 -3.07 8.36 18.71
N ILE A 209 -3.09 7.07 19.07
CA ILE A 209 -3.86 6.06 18.35
C ILE A 209 -5.20 5.88 19.02
N THR A 210 -6.26 6.06 18.26
CA THR A 210 -7.58 5.80 18.77
C THR A 210 -8.41 5.44 17.60
N THR A 211 -9.68 5.18 17.89
CA THR A 211 -10.63 4.87 16.88
C THR A 211 -11.85 5.77 16.90
N ILE A 212 -12.47 5.89 15.74
CA ILE A 212 -13.87 6.28 15.65
C ILE A 212 -14.70 5.05 15.97
N PRO A 213 -15.35 5.04 17.14
CA PRO A 213 -15.93 3.83 17.76
C PRO A 213 -17.23 3.34 17.11
N LYS A 214 -17.46 2.01 17.14
CA LYS A 214 -18.75 1.43 16.73
C LYS A 214 -19.88 2.23 17.37
N GLY A 215 -20.99 2.44 16.67
CA GLY A 215 -22.10 3.21 17.22
C GLY A 215 -23.00 3.84 16.18
N ARG A 216 -24.01 4.59 16.62
CA ARG A 216 -24.96 5.19 15.70
C ARG A 216 -24.43 6.57 15.39
N TYR A 217 -24.52 6.95 14.13
CA TYR A 217 -23.97 8.20 13.68
C TYR A 217 -24.95 8.93 12.78
N ALA A 218 -25.06 10.23 13.00
CA ALA A 218 -25.68 11.09 12.00
C ALA A 218 -24.57 11.46 11.05
N CYS A 219 -24.72 11.09 9.79
CA CYS A 219 -23.73 11.49 8.78
C CYS A 219 -24.40 12.33 7.74
N ILE A 220 -23.62 13.17 7.07
CA ILE A 220 -23.99 13.70 5.77
C ILE A 220 -22.76 13.56 4.92
N ALA A 221 -22.92 13.34 3.62
CA ALA A 221 -21.76 13.30 2.73
C ALA A 221 -22.14 13.97 1.45
N TYR A 222 -21.15 14.50 0.76
CA TYR A 222 -21.38 15.25 -0.47
C TYR A 222 -20.10 15.42 -1.25
N ASN A 223 -20.19 15.78 -2.53
CA ASN A 223 -18.97 16.22 -3.17
C ASN A 223 -18.72 17.66 -2.87
N PHE A 224 -17.53 17.91 -2.34
CA PHE A 224 -17.11 19.23 -1.90
C PHE A 224 -17.22 20.34 -2.93
N SER A 225 -17.76 21.45 -2.47
CA SER A 225 -17.48 22.77 -2.98
C SER A 225 -17.65 23.73 -1.78
N PRO A 226 -16.90 24.86 -1.75
CA PRO A 226 -16.82 25.77 -0.61
C PRO A 226 -18.16 26.25 -0.03
N GLU A 227 -19.07 26.69 -0.89
CA GLU A 227 -20.42 27.10 -0.45
C GLU A 227 -21.07 25.98 0.39
N HIS A 228 -20.96 24.74 -0.07
CA HIS A 228 -21.68 23.67 0.57
C HIS A 228 -21.15 23.25 1.91
N TYR A 229 -19.88 23.46 2.10
CA TYR A 229 -19.23 22.95 3.28
C TYR A 229 -19.98 23.36 4.54
N PHE A 230 -20.11 24.65 4.77
CA PHE A 230 -20.71 25.11 6.02
C PHE A 230 -22.19 24.77 6.08
N LEU A 231 -22.82 24.82 4.93
CA LEU A 231 -24.25 24.73 4.91
C LEU A 231 -24.67 23.29 5.19
N ASN A 232 -23.86 22.35 4.73
CA ASN A 232 -24.14 20.98 5.06
C ASN A 232 -23.91 20.77 6.55
N LEU A 233 -22.92 21.44 7.10
CA LEU A 233 -22.68 21.24 8.49
C LEU A 233 -23.92 21.70 9.22
N GLN A 234 -24.35 22.91 8.91
CA GLN A 234 -25.54 23.50 9.48
C GLN A 234 -26.74 22.58 9.44
N LYS A 235 -26.80 21.75 8.42
CA LYS A 235 -27.94 20.85 8.20
C LYS A 235 -27.96 19.76 9.26
N LEU A 236 -26.75 19.29 9.54
CA LEU A 236 -26.51 18.29 10.54
C LEU A 236 -26.95 18.85 11.89
N ILE A 237 -26.38 19.99 12.24
CA ILE A 237 -26.77 20.68 13.42
C ILE A 237 -28.28 20.73 13.54
N LYS A 238 -28.98 21.16 12.48
CA LYS A 238 -30.46 21.19 12.53
C LYS A 238 -30.99 19.78 12.73
N TYR A 239 -30.59 18.84 11.89
CA TYR A 239 -31.02 17.46 12.05
C TYR A 239 -31.03 17.02 13.50
N ILE A 240 -29.93 17.25 14.21
CA ILE A 240 -29.87 16.83 15.62
C ILE A 240 -30.84 17.59 16.50
N ALA A 241 -30.83 18.92 16.37
CA ALA A 241 -31.74 19.75 17.14
C ALA A 241 -33.17 19.33 16.92
N ASP A 242 -33.55 19.16 15.65
CA ASP A 242 -34.92 18.79 15.32
C ASP A 242 -35.38 17.55 16.03
N ARG A 243 -34.53 16.52 16.05
CA ARG A 243 -34.92 15.25 16.69
C ARG A 243 -34.65 15.22 18.18
N GLN A 244 -34.22 16.35 18.73
CA GLN A 244 -33.81 16.44 20.13
C GLN A 244 -32.78 15.34 20.45
N LEU A 245 -31.93 15.03 19.46
CA LEU A 245 -30.95 13.95 19.58
C LEU A 245 -29.75 14.37 20.41
N THR A 246 -29.17 13.38 21.08
CA THR A 246 -28.08 13.62 22.03
C THR A 246 -26.74 13.16 21.44
N VAL A 247 -25.86 14.12 21.16
CA VAL A 247 -24.55 13.78 20.57
C VAL A 247 -23.56 13.30 21.61
N VAL A 248 -22.64 12.43 21.19
CA VAL A 248 -21.69 11.81 22.13
C VAL A 248 -20.22 11.74 21.65
N SER A 249 -19.87 12.56 20.65
CA SER A 249 -18.51 12.65 20.11
C SER A 249 -18.26 14.02 19.50
N ASP A 250 -17.03 14.28 19.04
CA ASP A 250 -16.78 15.38 18.10
C ASP A 250 -17.54 15.11 16.85
N VAL A 251 -17.67 16.11 16.02
CA VAL A 251 -17.92 15.84 14.62
C VAL A 251 -16.64 15.35 14.02
N TYR A 252 -16.74 14.25 13.33
CA TYR A 252 -15.63 13.74 12.60
C TYR A 252 -15.86 14.18 11.14
N GLU A 253 -14.85 14.67 10.45
CA GLU A 253 -14.99 14.73 9.00
C GLU A 253 -13.88 14.02 8.25
N LEU A 254 -14.18 13.57 7.05
CA LEU A 254 -13.16 12.89 6.26
C LEU A 254 -13.23 13.44 4.89
N ILE A 255 -12.10 13.55 4.23
CA ILE A 255 -12.10 14.07 2.86
C ILE A 255 -11.47 12.99 2.02
N ILE A 256 -12.10 12.61 0.92
CA ILE A 256 -11.46 11.68 -0.07
C ILE A 256 -11.45 12.29 -1.45
N PRO A 257 -10.31 12.18 -2.15
CA PRO A 257 -10.31 12.48 -3.59
C PRO A 257 -11.22 11.55 -4.36
N ILE A 258 -11.91 12.11 -5.36
CA ILE A 258 -12.69 11.33 -6.33
C ILE A 258 -11.76 10.76 -7.38
N HIS A 259 -10.69 11.50 -7.67
CA HIS A 259 -9.68 11.00 -8.59
C HIS A 259 -8.31 11.57 -8.21
N TYR A 260 -7.27 11.11 -8.91
CA TYR A 260 -5.95 11.65 -8.69
C TYR A 260 -5.35 12.18 -9.93
N SER A 261 -6.11 12.19 -11.02
CA SER A 261 -5.61 12.79 -12.24
C SER A 261 -5.39 14.27 -12.15
N PRO A 262 -4.25 14.77 -12.64
CA PRO A 262 -4.10 16.21 -12.74
C PRO A 262 -4.54 16.75 -14.09
N LYS A 263 -5.01 15.89 -15.00
CA LYS A 263 -5.57 16.37 -16.25
C LYS A 263 -7.02 16.87 -16.03
N LYS A 264 -7.63 16.47 -14.90
CA LYS A 264 -9.05 16.78 -14.56
C LYS A 264 -9.14 17.76 -13.37
N GLN A 265 -10.29 18.37 -13.13
CA GLN A 265 -10.41 19.34 -12.03
C GLN A 265 -10.43 18.62 -10.71
N GLU A 266 -9.72 19.17 -9.72
CA GLU A 266 -9.63 18.58 -8.37
C GLU A 266 -11.04 18.32 -7.86
N GLU A 267 -11.27 17.15 -7.30
CA GLU A 267 -12.58 16.87 -6.76
C GLU A 267 -12.52 15.97 -5.55
N TYR A 268 -13.32 16.29 -4.54
CA TYR A 268 -13.25 15.53 -3.30
C TYR A 268 -14.60 15.13 -2.87
N ARG A 269 -14.73 13.91 -2.32
CA ARG A 269 -15.87 13.55 -1.46
C ARG A 269 -15.60 13.96 -0.01
N VAL A 270 -16.61 14.53 0.62
CA VAL A 270 -16.53 14.89 2.04
C VAL A 270 -17.59 14.18 2.80
N GLU A 271 -17.27 13.72 3.99
CA GLU A 271 -18.31 13.18 4.83
C GLU A 271 -18.15 13.63 6.25
N MET A 272 -19.24 14.04 6.87
CA MET A 272 -19.25 14.54 8.25
C MET A 272 -20.13 13.69 9.08
N LYS A 273 -19.64 13.30 10.24
CA LYS A 273 -20.47 12.47 11.05
C LYS A 273 -20.27 12.78 12.50
N ILE A 274 -21.17 12.25 13.32
CA ILE A 274 -21.10 12.41 14.74
C ILE A 274 -21.93 11.37 15.45
N ARG A 275 -21.38 10.86 16.54
CA ARG A 275 -21.97 9.76 17.25
C ARG A 275 -23.13 10.20 18.12
N ILE A 276 -24.18 9.40 18.15
CA ILE A 276 -25.32 9.75 18.94
C ILE A 276 -25.90 8.54 19.71
N LEU A 277 -26.56 8.82 20.84
CA LEU A 277 -27.09 7.76 21.69
C LEU A 277 -28.32 7.20 20.97
N PUY C . -9.57 17.51 6.48
CA PUY C . -9.14 18.89 6.32
CB PUY C . -7.66 18.94 5.85
CG PUY C . -7.48 18.82 4.35
CD1 PUY C . -6.87 19.85 3.64
CD2 PUY C . -7.95 17.69 3.72
CE1 PUY C . -6.75 19.72 2.27
CE2 PUY C . -7.83 17.55 2.36
CZ PUY C . -7.22 18.58 1.66
O PUY C . -11.04 20.26 6.23
OM PUY C . -7.13 18.43 0.31
CMZ PUY C . -8.32 18.70 -0.42
C PUY C . -10.19 19.69 5.55
O5' PUY C . -9.78 20.73 -0.29
C5' PUY C . -10.71 20.23 0.66
C4' PUY C . -10.11 20.59 2.01
O4' PUY C . -9.73 21.97 1.98
C1' PUY C . -10.50 22.74 2.93
N9 PUY C . -10.94 24.06 2.34
C4 PUY C . -11.99 24.86 2.70
N3 PUY C . -12.99 24.78 3.61
C2 PUY C . -13.92 25.75 3.73
N1 PUY C . -13.94 26.86 2.99
C6 PUY C . -12.99 27.06 2.04
N6 PUY C . -12.98 28.19 1.27
C9 PUY C . -11.93 28.32 0.27
C10 PUY C . -14.00 29.23 1.42
C5 PUY C . -11.95 26.00 1.88
N7 PUY C . -10.89 25.86 1.06
C8 PUY C . -10.27 24.69 1.36
C2' PUY C . -11.59 21.80 3.47
O2' PUY C . -11.93 22.08 4.85
C3' PUY C . -11.06 20.38 3.19
N3' PUY C . -10.15 19.75 4.20
#